data_4LM5
#
_entry.id   4LM5
#
_cell.length_a   97.677
_cell.length_b   97.677
_cell.length_c   80.781
_cell.angle_alpha   90.000
_cell.angle_beta   90.000
_cell.angle_gamma   120.000
#
_symmetry.space_group_name_H-M   'P 65'
#
loop_
_entity.id
_entity.type
_entity.pdbx_description
1 polymer 'Serine/threonine-protein kinase pim-1'
2 non-polymer 2-{4-[(3-aminopropyl)amino]quinazolin-2-yl}phenol
3 non-polymer GLYCEROL
4 water water
#
_entity_poly.entity_id   1
_entity_poly.type   'polypeptide(L)'
_entity_poly.pdbx_seq_one_letter_code
;MKEKEPLESQYQVGPLLGSGGFGSVYSGIRVSDNLPVAIKHVEKDRISDWGELPNGTRVPMEVVLLKKVSSGFSGVIRLL
DWFERPDSFVLILERPEPVQDLFDFITERGALQEELARSFFWQVLEAVRHCHN(CSO)GVLHRDIKDENILIDLNRGELK
LIDFGSGALLKDTVYTDFDGTRVYSPPEWIRYHRYHGRSAAVWSLGILLYDMVCGDIPFEHDEEIIRGQVFFRQRVSSEC
QHLIRWCLALRPSDRPTFEEIQNHPWMQDVLLPQETAEIHLHSLSPGPSKSGPSSGENLYFQ
;
_entity_poly.pdbx_strand_id   A
#
loop_
_chem_comp.id
_chem_comp.type
_chem_comp.name
_chem_comp.formula
GOL non-polymer GLYCEROL 'C3 H8 O3'
Q17 non-polymer 2-{4-[(3-aminopropyl)amino]quinazolin-2-yl}phenol 'C17 H18 N4 O'
#
# COMPACT_ATOMS: atom_id res chain seq x y z
N GLU A 8 -16.12 -6.20 22.71
CA GLU A 8 -16.77 -7.52 22.87
C GLU A 8 -18.27 -7.46 22.65
N SER A 9 -18.93 -6.55 23.37
CA SER A 9 -20.36 -6.33 23.15
C SER A 9 -20.66 -5.31 22.02
N GLN A 10 -19.69 -4.44 21.71
CA GLN A 10 -19.85 -3.48 20.62
C GLN A 10 -19.75 -4.11 19.23
N TYR A 11 -18.98 -5.19 19.09
CA TYR A 11 -18.80 -5.80 17.78
C TYR A 11 -19.22 -7.25 17.76
N GLN A 12 -19.77 -7.68 16.63
CA GLN A 12 -19.98 -9.10 16.39
C GLN A 12 -18.85 -9.58 15.48
N VAL A 13 -18.14 -10.63 15.92
CA VAL A 13 -16.99 -11.12 15.16
C VAL A 13 -17.39 -12.20 14.15
N GLY A 14 -16.89 -12.08 12.94
CA GLY A 14 -17.06 -13.13 11.94
C GLY A 14 -15.73 -13.75 11.55
N PRO A 15 -15.61 -14.22 10.30
CA PRO A 15 -14.46 -15.02 9.82
C PRO A 15 -13.12 -14.31 9.96
N LEU A 16 -12.05 -15.07 10.17
CA LEU A 16 -10.69 -14.58 10.00
C LEU A 16 -10.45 -14.19 8.54
N LEU A 17 -10.01 -12.96 8.28
CA LEU A 17 -9.78 -12.52 6.90
C LEU A 17 -8.31 -12.73 6.49
N GLY A 18 -7.41 -12.68 7.46
CA GLY A 18 -5.99 -12.84 7.19
C GLY A 18 -5.23 -12.81 8.50
N SER A 19 -4.00 -13.34 8.46
CA SER A 19 -3.11 -13.26 9.61
C SER A 19 -1.71 -13.25 9.05
N GLY A 20 -0.76 -12.74 9.83
CA GLY A 20 0.62 -12.63 9.37
C GLY A 20 1.41 -11.76 10.29
N GLY A 21 2.46 -11.11 9.77
CA GLY A 21 3.31 -10.25 10.58
C GLY A 21 2.54 -9.12 11.23
N PHE A 22 1.48 -8.65 10.55
CA PHE A 22 0.63 -7.55 11.09
C PHE A 22 -0.31 -8.03 12.24
N GLY A 23 -0.42 -9.35 12.44
CA GLY A 23 -1.34 -9.85 13.47
C GLY A 23 -2.47 -10.66 12.86
N SER A 24 -3.68 -10.59 13.43
CA SER A 24 -4.81 -11.37 12.90
C SER A 24 -5.97 -10.44 12.64
N VAL A 25 -6.52 -10.49 11.44
CA VAL A 25 -7.59 -9.57 11.05
C VAL A 25 -8.88 -10.34 10.79
N TYR A 26 -9.96 -9.97 11.49
CA TYR A 26 -11.25 -10.64 11.34
C TYR A 26 -12.29 -9.71 10.77
N SER A 27 -13.28 -10.31 10.10
CA SER A 27 -14.43 -9.57 9.62
C SER A 27 -15.31 -9.34 10.83
N GLY A 28 -16.10 -8.27 10.79
CA GLY A 28 -16.98 -7.97 11.89
C GLY A 28 -18.06 -6.99 11.52
N ILE A 29 -19.01 -6.83 12.44
CA ILE A 29 -20.12 -5.92 12.29
C ILE A 29 -20.14 -5.08 13.54
N ARG A 30 -20.29 -3.78 13.41
CA ARG A 30 -20.52 -2.95 14.60
C ARG A 30 -21.97 -3.13 14.99
N VAL A 31 -22.19 -3.64 16.21
CA VAL A 31 -23.52 -4.05 16.66
C VAL A 31 -24.54 -2.90 16.67
N SER A 32 -24.09 -1.69 16.99
CA SER A 32 -25.00 -0.56 17.11
C SER A 32 -25.72 -0.19 15.81
N ASP A 33 -24.99 -0.17 14.69
CA ASP A 33 -25.57 0.26 13.40
C ASP A 33 -25.33 -0.69 12.21
N ASN A 34 -24.89 -1.92 12.49
CA ASN A 34 -24.55 -2.89 11.44
C ASN A 34 -23.41 -2.52 10.48
N LEU A 35 -22.64 -1.49 10.82
CA LEU A 35 -21.53 -1.06 9.98
C LEU A 35 -20.50 -2.16 9.91
N PRO A 36 -20.16 -2.57 8.68
CA PRO A 36 -19.11 -3.58 8.44
C PRO A 36 -17.75 -3.07 8.95
N VAL A 37 -17.00 -3.90 9.69
CA VAL A 37 -15.68 -3.50 10.18
C VAL A 37 -14.66 -4.62 10.03
N ALA A 38 -13.37 -4.28 10.18
CA ALA A 38 -12.33 -5.28 10.29
C ALA A 38 -11.75 -5.12 11.68
N ILE A 39 -11.48 -6.24 12.34
CA ILE A 39 -11.01 -6.26 13.71
C ILE A 39 -9.63 -6.90 13.70
N LYS A 40 -8.62 -6.12 14.01
CA LYS A 40 -7.26 -6.62 13.90
C LYS A 40 -6.63 -6.68 15.26
N HIS A 41 -6.09 -7.85 15.58
CA HIS A 41 -5.45 -8.09 16.88
C HIS A 41 -3.96 -8.25 16.66
N VAL A 42 -3.17 -7.70 17.56
CA VAL A 42 -1.74 -7.98 17.52
C VAL A 42 -1.19 -8.11 18.95
N GLU A 43 -0.32 -9.11 19.18
CA GLU A 43 0.22 -9.29 20.52
C GLU A 43 1.25 -8.20 20.82
N LYS A 44 1.22 -7.70 22.05
CA LYS A 44 2.13 -6.62 22.45
C LYS A 44 3.59 -7.01 22.31
N ASP A 45 3.91 -8.26 22.66
CA ASP A 45 5.27 -8.78 22.52
C ASP A 45 5.72 -8.77 21.05
N ARG A 46 4.77 -8.96 20.13
CA ARG A 46 5.07 -8.95 18.69
C ARG A 46 5.10 -7.52 18.11
N ILE A 47 4.89 -6.52 18.96
CA ILE A 47 5.00 -5.12 18.50
C ILE A 47 6.43 -4.59 18.66
N SER A 48 6.99 -4.08 17.57
CA SER A 48 8.36 -3.56 17.53
C SER A 48 8.47 -2.08 17.92
N ASP A 49 7.53 -1.27 17.42
CA ASP A 49 7.61 0.19 17.50
C ASP A 49 6.42 0.83 18.22
N TRP A 50 6.70 1.86 19.02
CA TRP A 50 5.68 2.48 19.87
C TRP A 50 5.72 4.00 19.79
N GLY A 51 4.57 4.63 20.03
CA GLY A 51 4.48 6.09 20.12
C GLY A 51 3.44 6.52 21.16
N GLU A 52 3.01 7.78 21.10
CA GLU A 52 1.99 8.30 22.03
C GLU A 52 1.00 9.26 21.36
N VAL A 59 1.04 3.47 23.07
CA VAL A 59 0.36 2.81 21.94
C VAL A 59 1.32 2.35 20.83
N PRO A 60 0.90 1.37 20.01
CA PRO A 60 1.71 1.04 18.84
C PRO A 60 1.82 2.22 17.90
N MET A 61 2.98 2.39 17.27
CA MET A 61 3.15 3.40 16.23
C MET A 61 2.05 3.33 15.16
N GLU A 62 1.58 2.13 14.87
CA GLU A 62 0.59 1.96 13.82
C GLU A 62 -0.67 2.78 14.19
N VAL A 63 -1.07 2.73 15.46
CA VAL A 63 -2.19 3.58 15.92
C VAL A 63 -1.91 5.09 15.75
N VAL A 64 -0.72 5.54 16.12
CA VAL A 64 -0.35 6.93 15.90
C VAL A 64 -0.46 7.32 14.41
N LEU A 65 0.04 6.45 13.53
CA LEU A 65 0.09 6.82 12.13
C LEU A 65 -1.33 6.80 11.57
N LEU A 66 -2.12 5.80 11.96
CA LEU A 66 -3.49 5.71 11.44
C LEU A 66 -4.30 6.94 11.81
N LYS A 67 -4.17 7.43 13.05
CA LYS A 67 -4.95 8.61 13.45
C LYS A 67 -4.56 9.82 12.65
N LYS A 68 -3.30 9.88 12.23
CA LYS A 68 -2.82 11.04 11.47
C LYS A 68 -3.39 11.03 10.05
N VAL A 69 -3.73 9.86 9.52
CA VAL A 69 -4.19 9.80 8.14
C VAL A 69 -5.69 9.48 8.05
N SER A 70 -6.31 9.21 9.20
CA SER A 70 -7.71 8.75 9.23
C SER A 70 -8.69 9.89 9.30
N SER A 71 -8.18 11.11 9.33
CA SER A 71 -9.07 12.25 9.34
C SER A 71 -9.41 12.60 7.91
N GLY A 72 -10.68 12.89 7.65
CA GLY A 72 -11.15 13.18 6.30
C GLY A 72 -11.29 11.91 5.45
N PHE A 73 -11.76 12.07 4.22
CA PHE A 73 -11.91 10.93 3.30
C PHE A 73 -10.60 10.64 2.61
N SER A 74 -10.40 9.38 2.26
CA SER A 74 -9.15 9.05 1.61
C SER A 74 -9.11 7.67 0.95
N GLY A 75 -8.03 7.44 0.22
CA GLY A 75 -7.72 6.13 -0.29
C GLY A 75 -6.98 5.33 0.78
N VAL A 76 -7.23 5.65 2.06
CA VAL A 76 -6.68 4.89 3.18
C VAL A 76 -7.80 4.29 4.03
N ILE A 77 -7.69 3.00 4.37
CA ILE A 77 -8.63 2.36 5.32
C ILE A 77 -8.52 3.04 6.66
N ARG A 78 -9.64 3.61 7.13
CA ARG A 78 -9.65 4.45 8.33
C ARG A 78 -9.75 3.67 9.65
N LEU A 79 -9.07 4.17 10.67
CA LEU A 79 -9.16 3.61 12.00
C LEU A 79 -10.41 4.19 12.67
N LEU A 80 -11.32 3.36 13.16
CA LEU A 80 -12.57 3.84 13.77
C LEU A 80 -12.46 3.86 15.30
N ASP A 81 -11.64 2.97 15.82
CA ASP A 81 -11.50 2.84 17.27
C ASP A 81 -10.40 1.81 17.50
N TRP A 82 -9.99 1.71 18.75
CA TRP A 82 -8.98 0.76 19.16
C TRP A 82 -9.14 0.51 20.65
N PHE A 83 -8.63 -0.63 21.10
CA PHE A 83 -8.75 -1.06 22.49
C PHE A 83 -7.41 -1.62 22.92
N GLU A 84 -7.09 -1.48 24.19
CA GLU A 84 -5.90 -2.11 24.72
C GLU A 84 -6.36 -3.24 25.63
N ARG A 85 -5.71 -4.40 25.49
CA ARG A 85 -5.99 -5.56 26.35
C ARG A 85 -4.70 -5.85 27.08
N PRO A 86 -4.75 -6.74 28.09
CA PRO A 86 -3.50 -6.99 28.82
C PRO A 86 -2.34 -7.43 27.92
N ASP A 87 -2.57 -8.28 26.93
CA ASP A 87 -1.44 -8.74 26.12
C ASP A 87 -1.51 -8.41 24.64
N SER A 88 -2.47 -7.57 24.26
CA SER A 88 -2.65 -7.24 22.86
C SER A 88 -3.31 -5.88 22.71
N PHE A 89 -3.22 -5.33 21.49
CA PHE A 89 -4.02 -4.21 21.03
C PHE A 89 -4.98 -4.68 19.94
N VAL A 90 -6.17 -4.07 19.93
CA VAL A 90 -7.23 -4.41 18.98
C VAL A 90 -7.67 -3.14 18.26
N LEU A 91 -7.60 -3.19 16.93
CA LEU A 91 -7.93 -2.03 16.08
C LEU A 91 -9.26 -2.29 15.37
N ILE A 92 -10.13 -1.28 15.34
CA ILE A 92 -11.38 -1.45 14.61
C ILE A 92 -11.20 -0.60 13.36
N LEU A 93 -11.32 -1.23 12.20
CA LEU A 93 -11.01 -0.54 10.96
C LEU A 93 -12.22 -0.57 10.04
N GLU A 94 -12.32 0.43 9.19
CA GLU A 94 -13.26 0.45 8.06
C GLU A 94 -13.22 -0.89 7.29
N ARG A 95 -14.36 -1.34 6.78
CA ARG A 95 -14.35 -2.49 5.85
C ARG A 95 -15.38 -2.34 4.71
N PRO A 96 -14.90 -2.03 3.50
CA PRO A 96 -15.72 -2.03 2.26
C PRO A 96 -16.18 -3.46 1.94
N GLU A 97 -17.32 -3.57 1.27
CA GLU A 97 -17.94 -4.86 0.97
C GLU A 97 -18.70 -4.75 -0.35
N PRO A 98 -18.32 -5.56 -1.36
CA PRO A 98 -17.26 -6.56 -1.32
C PRO A 98 -15.89 -5.93 -1.58
N VAL A 99 -14.84 -6.56 -1.06
CA VAL A 99 -13.48 -6.07 -1.18
C VAL A 99 -12.54 -7.25 -1.53
N GLN A 100 -11.44 -6.97 -2.24
CA GLN A 100 -10.42 -7.99 -2.55
C GLN A 100 -9.09 -7.27 -2.60
N ASP A 101 -8.03 -7.88 -2.05
CA ASP A 101 -6.75 -7.18 -2.07
C ASP A 101 -6.14 -7.28 -3.49
N LEU A 102 -5.21 -6.38 -3.81
CA LEU A 102 -4.66 -6.32 -5.17
C LEU A 102 -3.84 -7.59 -5.51
N PHE A 103 -3.22 -8.17 -4.49
CA PHE A 103 -2.47 -9.42 -4.69
C PHE A 103 -3.41 -10.53 -5.21
N ASP A 104 -4.57 -10.68 -4.58
CA ASP A 104 -5.47 -11.78 -4.99
C ASP A 104 -6.09 -11.45 -6.34
N PHE A 105 -6.36 -10.16 -6.55
CA PHE A 105 -6.94 -9.71 -7.82
C PHE A 105 -6.01 -10.02 -9.00
N ILE A 106 -4.74 -9.68 -8.85
CA ILE A 106 -3.76 -9.92 -9.90
C ILE A 106 -3.49 -11.42 -10.05
N THR A 107 -3.45 -12.11 -8.92
CA THR A 107 -3.33 -13.57 -8.99
C THR A 107 -4.47 -14.19 -9.80
N GLU A 108 -5.69 -13.69 -9.62
CA GLU A 108 -6.85 -14.27 -10.30
C GLU A 108 -6.92 -13.84 -11.74
N ARG A 109 -6.48 -12.62 -12.04
CA ARG A 109 -6.72 -12.07 -13.36
C ARG A 109 -5.49 -11.93 -14.25
N GLY A 110 -4.29 -12.05 -13.66
CA GLY A 110 -3.05 -11.95 -14.40
C GLY A 110 -2.69 -10.49 -14.60
N ALA A 111 -1.75 -10.22 -15.50
CA ALA A 111 -1.37 -8.85 -15.83
C ALA A 111 -2.62 -8.00 -16.14
N LEU A 112 -2.65 -6.76 -15.64
CA LEU A 112 -3.80 -5.86 -15.83
C LEU A 112 -3.65 -5.05 -17.13
N GLN A 113 -4.74 -4.84 -17.86
CA GLN A 113 -4.73 -3.87 -18.98
C GLN A 113 -4.25 -2.51 -18.46
N GLU A 114 -3.56 -1.76 -19.32
CA GLU A 114 -2.94 -0.51 -18.89
C GLU A 114 -3.96 0.52 -18.40
N GLU A 115 -5.14 0.52 -19.01
CA GLU A 115 -6.18 1.44 -18.59
C GLU A 115 -6.54 1.13 -17.15
N LEU A 116 -6.64 -0.16 -16.83
CA LEU A 116 -6.97 -0.52 -15.46
C LEU A 116 -5.81 -0.19 -14.51
N ALA A 117 -4.58 -0.53 -14.93
CA ALA A 117 -3.39 -0.27 -14.12
C ALA A 117 -3.20 1.26 -13.91
N ARG A 118 -3.53 2.04 -14.93
CA ARG A 118 -3.44 3.51 -14.83
C ARG A 118 -4.34 3.99 -13.72
N SER A 119 -5.60 3.49 -13.71
CA SER A 119 -6.59 3.97 -12.74
C SER A 119 -6.20 3.60 -11.30
N PHE A 120 -5.80 2.33 -11.11
CA PHE A 120 -5.36 1.81 -9.81
C PHE A 120 -4.10 2.56 -9.32
N PHE A 121 -3.10 2.64 -10.20
CA PHE A 121 -1.84 3.26 -9.82
C PHE A 121 -2.05 4.73 -9.45
N TRP A 122 -2.87 5.43 -10.22
CA TRP A 122 -3.23 6.82 -9.90
C TRP A 122 -3.85 6.93 -8.50
N GLN A 123 -4.83 6.07 -8.18
CA GLN A 123 -5.41 6.10 -6.85
C GLN A 123 -4.37 5.76 -5.76
N VAL A 124 -3.44 4.87 -6.06
CA VAL A 124 -2.38 4.58 -5.09
C VAL A 124 -1.56 5.84 -4.85
N LEU A 125 -1.20 6.52 -5.93
CA LEU A 125 -0.46 7.76 -5.79
C LEU A 125 -1.24 8.80 -4.99
N GLU A 126 -2.53 8.97 -5.26
CA GLU A 126 -3.33 9.94 -4.49
C GLU A 126 -3.29 9.58 -2.99
N ALA A 127 -3.36 8.27 -2.68
CA ALA A 127 -3.37 7.83 -1.27
C ALA A 127 -2.02 8.05 -0.55
N VAL A 128 -0.92 7.81 -1.26
CA VAL A 128 0.39 7.93 -0.70
C VAL A 128 0.69 9.43 -0.50
N ARG A 129 0.26 10.26 -1.45
CA ARG A 129 0.46 11.71 -1.29
C ARG A 129 -0.31 12.18 -0.07
N HIS A 130 -1.49 11.61 0.15
CA HIS A 130 -2.28 12.01 1.33
C HIS A 130 -1.56 11.63 2.63
N CYS A 131 -1.02 10.41 2.68
CA CYS A 131 -0.16 10.02 3.81
C CYS A 131 0.96 11.01 4.04
N HIS A 132 1.75 11.28 2.98
CA HIS A 132 2.88 12.20 3.09
C HIS A 132 2.46 13.60 3.56
N ASN A 133 1.35 14.11 3.06
CA ASN A 133 0.81 15.39 3.51
C ASN A 133 0.42 15.37 4.97
N CSO A 134 0.08 14.19 5.47
CA CSO A 134 -0.28 14.02 6.88
CB CSO A 134 -1.33 12.91 7.05
SG CSO A 134 -2.96 13.36 6.36
C CSO A 134 0.95 13.71 7.73
O CSO A 134 0.83 13.47 8.92
OD CSO A 134 -3.57 14.81 7.26
N GLY A 135 2.13 13.68 7.13
CA GLY A 135 3.37 13.44 7.90
C GLY A 135 3.63 11.97 8.12
N VAL A 136 3.03 11.11 7.30
CA VAL A 136 3.17 9.64 7.47
C VAL A 136 3.83 8.97 6.27
N LEU A 137 4.86 8.16 6.55
CA LEU A 137 5.49 7.33 5.51
C LEU A 137 5.07 5.87 5.69
N HIS A 138 4.46 5.28 4.66
CA HIS A 138 3.91 3.91 4.78
C HIS A 138 4.99 2.81 4.93
N ARG A 139 6.01 2.86 4.07
CA ARG A 139 7.13 1.89 4.08
C ARG A 139 6.83 0.43 3.67
N ASP A 140 5.61 0.13 3.29
CA ASP A 140 5.34 -1.24 2.80
C ASP A 140 4.29 -1.21 1.70
N ILE A 141 4.41 -0.24 0.80
CA ILE A 141 3.49 -0.15 -0.34
C ILE A 141 3.66 -1.39 -1.22
N LYS A 142 2.60 -2.20 -1.38
CA LYS A 142 2.64 -3.38 -2.27
C LYS A 142 1.22 -3.91 -2.51
N ASP A 143 1.07 -4.87 -3.44
CA ASP A 143 -0.25 -5.35 -3.84
C ASP A 143 -1.08 -5.89 -2.64
N GLU A 144 -0.43 -6.62 -1.72
CA GLU A 144 -1.07 -7.16 -0.52
C GLU A 144 -1.60 -6.09 0.46
N ASN A 145 -1.04 -4.88 0.40
CA ASN A 145 -1.48 -3.77 1.25
C ASN A 145 -2.40 -2.80 0.54
N ILE A 146 -3.03 -3.25 -0.55
CA ILE A 146 -3.98 -2.41 -1.27
C ILE A 146 -5.31 -3.14 -1.43
N LEU A 147 -6.39 -2.56 -0.88
CA LEU A 147 -7.69 -3.21 -0.98
C LEU A 147 -8.43 -2.59 -2.14
N ILE A 148 -9.22 -3.40 -2.83
CA ILE A 148 -10.08 -2.89 -3.90
C ILE A 148 -11.55 -2.97 -3.45
N ASP A 149 -12.23 -1.83 -3.38
CA ASP A 149 -13.69 -1.84 -3.18
C ASP A 149 -14.25 -2.13 -4.56
N LEU A 150 -14.79 -3.33 -4.74
CA LEU A 150 -15.06 -3.80 -6.11
C LEU A 150 -16.29 -3.11 -6.72
N ASN A 151 -17.23 -2.67 -5.88
CA ASN A 151 -18.41 -1.95 -6.35
C ASN A 151 -18.14 -0.50 -6.76
N ARG A 152 -17.29 0.17 -6.01
CA ARG A 152 -16.98 1.58 -6.28
C ARG A 152 -15.72 1.78 -7.14
N GLY A 153 -14.93 0.72 -7.34
CA GLY A 153 -13.67 0.83 -8.07
C GLY A 153 -12.62 1.70 -7.33
N GLU A 154 -12.77 1.82 -6.01
CA GLU A 154 -11.87 2.65 -5.19
C GLU A 154 -10.82 1.79 -4.46
N LEU A 155 -9.56 2.25 -4.44
CA LEU A 155 -8.48 1.52 -3.76
C LEU A 155 -8.20 2.08 -2.38
N LYS A 156 -7.89 1.21 -1.42
CA LYS A 156 -7.60 1.65 -0.04
C LYS A 156 -6.28 1.04 0.48
N LEU A 157 -5.39 1.87 1.01
CA LEU A 157 -4.15 1.36 1.61
C LEU A 157 -4.41 0.80 3.00
N ILE A 158 -3.74 -0.31 3.33
CA ILE A 158 -3.81 -0.90 4.68
C ILE A 158 -2.40 -1.17 5.20
N ASP A 159 -2.31 -1.50 6.49
CA ASP A 159 -1.06 -1.91 7.12
C ASP A 159 0.01 -0.86 7.21
N PHE A 160 -0.13 -0.01 8.22
CA PHE A 160 0.88 1.00 8.54
C PHE A 160 1.83 0.44 9.61
N GLY A 161 1.79 -0.88 9.79
CA GLY A 161 2.56 -1.55 10.83
C GLY A 161 4.07 -1.45 10.68
N SER A 162 4.56 -1.12 9.50
CA SER A 162 5.99 -0.88 9.36
C SER A 162 6.32 0.58 8.98
N GLY A 163 5.34 1.47 9.14
CA GLY A 163 5.51 2.85 8.70
C GLY A 163 6.28 3.68 9.72
N ALA A 164 6.44 4.98 9.45
CA ALA A 164 7.09 5.91 10.38
C ALA A 164 6.54 7.31 10.15
N LEU A 165 6.77 8.21 11.08
CA LEU A 165 6.55 9.62 10.81
C LEU A 165 7.47 9.97 9.61
N LEU A 166 6.97 10.74 8.66
CA LEU A 166 7.80 11.14 7.53
C LEU A 166 8.78 12.22 8.00
N LYS A 167 10.03 12.14 7.52
CA LYS A 167 11.09 13.08 7.91
C LYS A 167 12.00 13.25 6.69
N ASP A 168 12.86 14.26 6.73
CA ASP A 168 13.72 14.58 5.60
C ASP A 168 15.12 14.05 5.79
N THR A 169 15.40 13.49 6.97
CA THR A 169 16.74 12.92 7.23
C THR A 169 16.72 11.43 6.86
N VAL A 170 17.84 10.75 7.02
CA VAL A 170 17.98 9.38 6.51
C VAL A 170 17.32 8.36 7.45
N TYR A 171 16.70 7.32 6.89
CA TYR A 171 16.22 6.18 7.69
C TYR A 171 17.29 5.10 7.66
N THR A 172 17.59 4.51 8.82
CA THR A 172 18.57 3.44 8.92
C THR A 172 17.90 2.13 9.38
N ASP A 173 16.57 2.14 9.44
CA ASP A 173 15.79 0.98 9.83
C ASP A 173 14.72 0.71 8.77
N PHE A 174 14.32 -0.57 8.66
CA PHE A 174 13.32 -0.96 7.68
C PHE A 174 12.80 -2.32 8.07
N ASP A 175 11.50 -2.55 7.95
CA ASP A 175 10.95 -3.85 8.29
C ASP A 175 9.80 -4.07 7.34
N GLY A 176 9.84 -3.42 6.18
CA GLY A 176 8.82 -3.63 5.17
C GLY A 176 9.15 -4.87 4.34
N THR A 177 8.69 -4.89 3.09
CA THR A 177 8.91 -6.07 2.24
C THR A 177 10.16 -5.91 1.36
N ARG A 178 11.07 -6.87 1.46
CA ARG A 178 12.41 -6.72 0.89
C ARG A 178 12.43 -6.53 -0.63
N VAL A 179 11.67 -7.36 -1.33
CA VAL A 179 11.63 -7.30 -2.79
C VAL A 179 11.05 -5.99 -3.31
N TYR A 180 10.45 -5.17 -2.43
CA TYR A 180 9.99 -3.83 -2.82
C TYR A 180 10.92 -2.74 -2.28
N SER A 181 11.99 -3.16 -1.59
CA SER A 181 12.93 -2.22 -0.96
C SER A 181 13.99 -1.77 -1.97
N PRO A 182 14.45 -0.52 -1.84
CA PRO A 182 15.31 0.07 -2.87
C PRO A 182 16.75 -0.42 -2.73
N PRO A 183 17.52 -0.28 -3.80
CA PRO A 183 18.93 -0.73 -3.79
C PRO A 183 19.79 -0.06 -2.71
N GLU A 184 19.51 1.20 -2.38
CA GLU A 184 20.29 1.87 -1.34
C GLU A 184 20.04 1.19 0.02
N TRP A 185 18.86 0.64 0.26
CA TRP A 185 18.64 -0.08 1.52
C TRP A 185 19.44 -1.39 1.50
N ILE A 186 19.37 -2.10 0.37
CA ILE A 186 20.12 -3.36 0.22
C ILE A 186 21.63 -3.15 0.42
N ARG A 187 22.22 -2.14 -0.24
CA ARG A 187 23.69 -1.94 -0.17
C ARG A 187 24.14 -1.23 1.13
N TYR A 188 23.37 -0.25 1.62
CA TYR A 188 23.89 0.67 2.63
C TYR A 188 23.07 0.69 3.91
N HIS A 189 21.88 0.11 3.87
CA HIS A 189 20.97 0.17 5.01
C HIS A 189 20.64 1.63 5.32
N ARG A 190 20.49 2.44 4.27
CA ARG A 190 20.10 3.85 4.36
C ARG A 190 19.19 4.18 3.18
N TYR A 191 18.12 4.93 3.43
CA TYR A 191 17.27 5.46 2.36
C TYR A 191 16.59 6.73 2.88
N HIS A 192 16.02 7.50 1.96
CA HIS A 192 15.22 8.64 2.34
C HIS A 192 13.78 8.28 2.01
N GLY A 193 12.81 8.91 2.65
CA GLY A 193 11.45 8.38 2.59
C GLY A 193 10.79 8.42 1.22
N ARG A 194 10.73 9.60 0.63
CA ARG A 194 10.01 9.77 -0.65
C ARG A 194 10.64 8.96 -1.76
N SER A 195 11.96 9.02 -1.88
CA SER A 195 12.57 8.32 -3.00
C SER A 195 12.49 6.80 -2.82
N ALA A 196 12.51 6.32 -1.57
CA ALA A 196 12.29 4.88 -1.34
C ALA A 196 10.84 4.53 -1.66
N ALA A 197 9.91 5.43 -1.31
CA ALA A 197 8.49 5.20 -1.64
C ALA A 197 8.34 5.09 -3.15
N VAL A 198 9.03 5.97 -3.88
CA VAL A 198 8.89 6.01 -5.34
C VAL A 198 9.41 4.69 -5.97
N TRP A 199 10.50 4.15 -5.43
CA TRP A 199 11.01 2.88 -5.86
C TRP A 199 9.96 1.79 -5.67
N SER A 200 9.34 1.71 -4.49
CA SER A 200 8.38 0.64 -4.28
C SER A 200 7.19 0.84 -5.23
N LEU A 201 6.87 2.10 -5.54
CA LEU A 201 5.80 2.37 -6.50
C LEU A 201 6.19 1.84 -7.89
N GLY A 202 7.45 1.96 -8.26
CA GLY A 202 7.93 1.35 -9.50
C GLY A 202 7.74 -0.16 -9.53
N ILE A 203 8.04 -0.84 -8.42
CA ILE A 203 7.86 -2.28 -8.32
C ILE A 203 6.37 -2.60 -8.45
N LEU A 204 5.54 -1.81 -7.76
CA LEU A 204 4.07 -2.02 -7.80
C LEU A 204 3.52 -1.90 -9.24
N LEU A 205 3.94 -0.86 -9.96
CA LEU A 205 3.38 -0.61 -11.28
C LEU A 205 3.83 -1.73 -12.23
N TYR A 206 5.08 -2.20 -12.10
CA TYR A 206 5.58 -3.32 -12.92
C TYR A 206 4.69 -4.53 -12.59
N ASP A 207 4.45 -4.73 -11.32
CA ASP A 207 3.64 -5.86 -10.88
C ASP A 207 2.22 -5.85 -11.50
N MET A 208 1.62 -4.67 -11.58
CA MET A 208 0.30 -4.51 -12.17
C MET A 208 0.27 -4.84 -13.65
N VAL A 209 1.22 -4.30 -14.42
CA VAL A 209 1.18 -4.53 -15.87
C VAL A 209 1.85 -5.83 -16.32
N CYS A 210 2.62 -6.45 -15.43
CA CYS A 210 3.32 -7.69 -15.85
C CYS A 210 2.78 -8.90 -15.12
N GLY A 211 2.09 -8.67 -13.99
CA GLY A 211 1.46 -9.79 -13.29
C GLY A 211 2.40 -10.41 -12.28
N ASP A 212 3.58 -9.81 -12.10
CA ASP A 212 4.56 -10.30 -11.14
C ASP A 212 5.62 -9.24 -10.91
N ILE A 213 6.37 -9.38 -9.82
CA ILE A 213 7.39 -8.39 -9.47
C ILE A 213 8.65 -8.53 -10.35
N PRO A 214 9.40 -7.43 -10.58
CA PRO A 214 10.53 -7.52 -11.51
C PRO A 214 11.78 -8.18 -10.92
N PHE A 215 11.98 -8.10 -9.59
CA PHE A 215 13.20 -8.58 -8.96
C PHE A 215 12.86 -9.56 -7.83
N GLU A 216 13.63 -10.65 -7.73
CA GLU A 216 13.47 -11.60 -6.63
C GLU A 216 14.66 -11.62 -5.66
N HIS A 217 15.85 -11.40 -6.18
CA HIS A 217 17.07 -11.53 -5.38
C HIS A 217 17.73 -10.18 -5.18
N ASP A 218 18.52 -10.07 -4.10
CA ASP A 218 19.21 -8.82 -3.78
C ASP A 218 20.02 -8.28 -4.97
N GLU A 219 20.79 -9.12 -5.65
CA GLU A 219 21.64 -8.66 -6.76
C GLU A 219 20.86 -8.20 -7.99
N GLU A 220 19.66 -8.72 -8.20
CA GLU A 220 18.79 -8.17 -9.24
C GLU A 220 18.34 -6.77 -8.87
N ILE A 221 18.01 -6.54 -7.60
CA ILE A 221 17.60 -5.17 -7.15
C ILE A 221 18.78 -4.21 -7.36
N ILE A 222 19.95 -4.62 -6.88
CA ILE A 222 21.22 -3.87 -7.00
C ILE A 222 21.55 -3.55 -8.45
N ARG A 223 21.38 -4.54 -9.34
CA ARG A 223 21.72 -4.35 -10.75
C ARG A 223 20.69 -3.40 -11.42
N GLY A 224 19.46 -3.42 -10.91
CA GLY A 224 18.39 -2.55 -11.41
C GLY A 224 18.03 -2.64 -12.89
N GLN A 225 18.38 -3.73 -13.58
CA GLN A 225 17.91 -3.86 -14.97
C GLN A 225 16.50 -4.46 -15.07
N VAL A 226 15.63 -3.75 -15.76
CA VAL A 226 14.24 -4.17 -15.86
C VAL A 226 13.98 -4.94 -17.17
N PHE A 227 13.56 -6.19 -17.06
CA PHE A 227 13.12 -6.98 -18.21
C PHE A 227 11.58 -7.08 -18.20
N PHE A 228 10.93 -6.79 -19.34
CA PHE A 228 9.49 -6.92 -19.44
C PHE A 228 9.09 -8.22 -20.08
N ARG A 229 8.33 -9.01 -19.33
CA ARG A 229 7.97 -10.37 -19.74
C ARG A 229 6.63 -10.36 -20.46
N GLN A 230 5.99 -9.20 -20.41
CA GLN A 230 4.70 -9.01 -21.08
C GLN A 230 4.80 -7.77 -21.94
N ARG A 231 3.89 -7.67 -22.89
CA ARG A 231 3.78 -6.53 -23.74
C ARG A 231 3.32 -5.34 -22.91
N VAL A 232 4.15 -4.31 -22.87
CA VAL A 232 3.86 -3.08 -22.12
C VAL A 232 4.27 -1.90 -23.02
N SER A 233 3.43 -0.85 -23.05
CA SER A 233 3.69 0.32 -23.89
C SER A 233 5.00 1.02 -23.49
N SER A 234 5.59 1.74 -24.44
CA SER A 234 6.86 2.42 -24.21
C SER A 234 6.73 3.44 -23.10
N GLU A 235 5.60 4.13 -23.06
CA GLU A 235 5.43 5.18 -22.07
C GLU A 235 5.38 4.60 -20.67
N CYS A 236 4.73 3.44 -20.54
CA CYS A 236 4.64 2.79 -19.25
C CYS A 236 5.99 2.22 -18.83
N GLN A 237 6.69 1.58 -19.78
CA GLN A 237 8.04 1.06 -19.48
C GLN A 237 8.94 2.21 -19.01
N HIS A 238 8.84 3.35 -19.70
CA HIS A 238 9.64 4.52 -19.32
C HIS A 238 9.31 5.01 -17.89
N LEU A 239 8.04 5.11 -17.54
CA LEU A 239 7.68 5.53 -16.18
C LEU A 239 8.19 4.52 -15.16
N ILE A 240 8.04 3.23 -15.46
CA ILE A 240 8.53 2.22 -14.55
C ILE A 240 10.05 2.38 -14.39
N ARG A 241 10.76 2.54 -15.48
CA ARG A 241 12.21 2.58 -15.40
C ARG A 241 12.70 3.83 -14.67
N TRP A 242 11.94 4.91 -14.80
CA TRP A 242 12.23 6.15 -14.08
C TRP A 242 12.07 5.93 -12.57
N CYS A 243 10.96 5.34 -12.13
CA CYS A 243 10.75 5.08 -10.69
C CYS A 243 11.82 4.16 -10.11
N LEU A 244 12.36 3.28 -10.95
CA LEU A 244 13.37 2.28 -10.56
C LEU A 244 14.81 2.72 -10.89
N ALA A 245 15.04 4.02 -11.04
CA ALA A 245 16.42 4.51 -11.18
C ALA A 245 17.22 4.07 -9.96
N LEU A 246 18.47 3.67 -10.17
CA LEU A 246 19.32 3.20 -9.10
C LEU A 246 19.72 4.36 -8.18
N ARG A 247 20.02 5.52 -8.75
CA ARG A 247 20.34 6.69 -7.90
C ARG A 247 19.01 7.27 -7.40
N PRO A 248 18.82 7.28 -6.07
CA PRO A 248 17.57 7.84 -5.50
C PRO A 248 17.22 9.22 -6.11
N SER A 249 18.23 10.07 -6.27
CA SER A 249 18.01 11.43 -6.77
C SER A 249 17.55 11.45 -8.25
N ASP A 250 17.71 10.33 -8.98
CA ASP A 250 17.31 10.27 -10.37
C ASP A 250 15.84 9.87 -10.49
N ARG A 251 15.21 9.52 -9.37
CA ARG A 251 13.82 9.08 -9.39
C ARG A 251 12.89 10.29 -9.49
N PRO A 252 11.69 10.09 -10.07
CA PRO A 252 10.72 11.18 -10.23
C PRO A 252 10.11 11.53 -8.88
N THR A 253 9.70 12.79 -8.73
CA THR A 253 8.85 13.19 -7.62
C THR A 253 7.42 12.68 -7.91
N PHE A 254 6.53 12.73 -6.92
CA PHE A 254 5.12 12.34 -7.11
C PHE A 254 4.54 13.19 -8.22
N GLU A 255 4.85 14.48 -8.20
CA GLU A 255 4.34 15.39 -9.21
C GLU A 255 4.77 14.93 -10.60
N GLU A 256 6.03 14.52 -10.74
CA GLU A 256 6.54 14.12 -12.05
C GLU A 256 5.90 12.80 -12.49
N ILE A 257 5.64 11.92 -11.53
CA ILE A 257 4.93 10.71 -11.87
C ILE A 257 3.52 11.03 -12.44
N GLN A 258 2.72 11.80 -11.70
CA GLN A 258 1.35 12.08 -12.11
C GLN A 258 1.25 13.03 -13.32
N ASN A 259 2.35 13.71 -13.67
CA ASN A 259 2.36 14.51 -14.93
C ASN A 259 2.95 13.71 -16.10
N HIS A 260 3.38 12.48 -15.83
CA HIS A 260 3.95 11.65 -16.88
C HIS A 260 2.91 11.34 -17.97
N PRO A 261 3.34 11.30 -19.24
CA PRO A 261 2.36 11.07 -20.31
C PRO A 261 1.56 9.76 -20.10
N TRP A 262 2.16 8.71 -19.54
CA TRP A 262 1.38 7.47 -19.33
C TRP A 262 0.18 7.67 -18.38
N MET A 263 0.25 8.71 -17.54
CA MET A 263 -0.75 8.92 -16.49
C MET A 263 -1.90 9.82 -16.91
N GLN A 264 -1.92 10.23 -18.17
CA GLN A 264 -2.97 11.18 -18.59
C GLN A 264 -4.33 10.50 -18.83
N ASP A 265 -5.41 11.24 -18.59
CA ASP A 265 -6.78 10.79 -18.86
C ASP A 265 -7.22 9.56 -18.06
N VAL A 266 -6.91 9.55 -16.77
CA VAL A 266 -7.25 8.43 -15.92
C VAL A 266 -8.78 8.26 -15.85
N LEU A 267 -9.24 7.03 -15.72
CA LEU A 267 -10.68 6.82 -15.56
C LEU A 267 -11.03 7.23 -14.13
N LEU A 268 -12.27 7.69 -13.94
CA LEU A 268 -12.83 7.85 -12.60
C LEU A 268 -13.01 6.44 -11.98
N PRO A 269 -13.00 6.36 -10.62
CA PRO A 269 -13.11 5.05 -9.95
C PRO A 269 -14.37 4.28 -10.37
N GLN A 270 -15.52 4.96 -10.40
CA GLN A 270 -16.77 4.29 -10.78
C GLN A 270 -16.76 3.77 -12.24
N GLU A 271 -16.18 4.55 -13.16
CA GLU A 271 -15.96 4.12 -14.54
C GLU A 271 -15.11 2.86 -14.54
N THR A 272 -14.06 2.89 -13.72
CA THR A 272 -13.14 1.78 -13.60
C THR A 272 -13.91 0.53 -13.20
N ALA A 273 -14.81 0.66 -12.21
CA ALA A 273 -15.54 -0.50 -11.74
C ALA A 273 -16.47 -1.00 -12.86
N GLU A 274 -17.15 -0.07 -13.55
CA GLU A 274 -18.12 -0.43 -14.60
C GLU A 274 -17.47 -1.24 -15.72
N ILE A 275 -16.32 -0.75 -16.18
CA ILE A 275 -15.59 -1.36 -17.30
C ILE A 275 -14.86 -2.64 -16.89
N HIS A 276 -14.13 -2.59 -15.77
CA HIS A 276 -13.15 -3.61 -15.46
C HIS A 276 -13.51 -4.56 -14.32
N LEU A 277 -14.48 -4.20 -13.50
CA LEU A 277 -14.78 -4.99 -12.33
C LEU A 277 -16.19 -5.60 -12.31
N HIS A 278 -17.05 -5.22 -13.26
CA HIS A 278 -18.46 -5.65 -13.28
C HIS A 278 -18.74 -6.82 -14.22
C1 Q17 B . -3.82 -3.41 8.94
C2 Q17 B . -2.76 -4.32 8.88
C3 Q17 B . -2.90 -5.53 8.22
C4 Q17 B . -4.10 -5.88 7.59
C5 Q17 B . -5.20 -5.01 7.62
C6 Q17 B . -5.02 -3.73 8.30
O7 Q17 B . -6.05 -2.86 8.32
C8 Q17 B . -6.44 -5.42 6.91
N9 Q17 B . -6.43 -6.66 6.26
C10 Q17 B . -7.57 -7.00 5.60
C11 Q17 B . -8.73 -6.15 5.56
C12 Q17 B . -8.62 -4.92 6.25
N13 Q17 B . -7.47 -4.55 6.93
C14 Q17 B . -9.72 -3.99 6.26
C15 Q17 B . -10.86 -4.34 5.60
C16 Q17 B . -10.96 -5.58 4.89
C17 Q17 B . -9.92 -6.47 4.87
N18 Q17 B . -7.60 -8.19 4.97
C19 Q17 B . -6.42 -9.07 4.86
C20 Q17 B . -5.45 -8.41 3.79
C21 Q17 B . -4.09 -9.12 3.67
N22 Q17 B . -3.51 -8.80 2.36
C1 GOL C . 3.15 -10.66 -7.33
O1 GOL C . 3.66 -11.18 -6.10
C2 GOL C . 1.65 -10.93 -7.45
O2 GOL C . 0.86 -9.76 -7.51
C3 GOL C . 1.37 -11.82 -8.65
O3 GOL C . 2.05 -13.03 -8.47
C1 GOL D . 1.56 18.44 -3.54
O1 GOL D . 1.99 19.77 -3.62
C2 GOL D . 2.42 17.61 -2.60
O2 GOL D . 3.76 17.97 -2.86
C3 GOL D . 2.21 16.11 -2.91
O3 GOL D . 2.81 15.80 -4.18
C1 GOL E . -9.07 -10.71 0.03
O1 GOL E . -8.24 -10.42 -1.06
C2 GOL E . -8.55 -9.93 1.22
O2 GOL E . -7.37 -10.54 1.71
C3 GOL E . -9.70 -9.92 2.23
O3 GOL E . -9.28 -9.22 3.37
#